data_1T8I
#
_entry.id   1T8I
#
_cell.length_a   57.363
_cell.length_b   114.423
_cell.length_c   74.118
_cell.angle_alpha   90.00
_cell.angle_beta   93.49
_cell.angle_gamma   90.00
#
_symmetry.space_group_name_H-M   'P 1 21 1'
#
loop_
_entity.id
_entity.type
_entity.pdbx_description
1 polymer "5'-D(*AP*AP*AP*AP*AP*GP*AP*CP*TP*T)-3'"
2 polymer "5'-D(*(TGP)P*GP*AP*AP*AP*AP*AP*TP*TP*TP*TP*T)-3'"
3 polymer "5'-D(*AP*AP*AP*AP*AP*TP*TP*TP*TP*TP*CP*CP*AP*AP*GP*TP*CP*TP*TP*TP*TP*T)-3'"
4 polymer 'DNA topoisomerase I'
5 non-polymer 4-ETHYL-4-HYDROXY-1,12-DIHYDRO-4H-2-OXA-6,12A-DIAZA-DIBENZO[B,H]FLUORENE-3,13-DIONE
#
loop_
_entity_poly.entity_id
_entity_poly.type
_entity_poly.pdbx_seq_one_letter_code
_entity_poly.pdbx_strand_id
1 'polydeoxyribonucleotide' (DA)(DA)(DA)(DA)(DA)(DG)(DA)(DC)(DT)(DT) B
2 'polydeoxyribonucleotide' (TGP)(DG)(DA)(DA)(DA)(DA)(DA)(DT)(DT)(DT)(DT)(DT) C
3 'polydeoxyribonucleotide'
;(DA)(DA)(DA)(DA)(DA)(DT)(DT)(DT)(DT)(DT)(DC)(DC)(DA)(DA)(DG)(DT)(DC)(DT)(DT)(DT)
(DT)(DT)
;
D
4 'polypeptide(L)'
;KKPKNKDKDKKVPEPDNKKKKPKKEEEQKWKWWEEERYPEGIKWKFLEHKGPVFAPPYEPLPENVKFYYDGKVMKLSPKA
EEVATFFAKMLDHEYTTKEIFRKNFFKDWRKEMTNEEKNIITNLSKCDFTQMSQYFKAQTEARKQMSKEEKLKIKEENEK
LLKEYGFCIMDNHKERIANFKIEPPGLFRGRGNHPKMGMLKRRIMPEDIIINCSKDAKVPSPPPGHKWKEVRHDNKVTWL
VSWTENIQGSIKYIMLNPSSRIKGEKDWQKYETARRLKKCVDKIRNQYREDWKSKEMKVRQRAVALYFIDKLALRAGNEK
EEGETADTVGCCSLRVEHINLHPELDGQEYVVEFDFLGKDSIRYYNKVPVEKRVFKNLQLFMENKQPEDDLFDRLNTGIL
NKHLQDLMEGLTAKVFRTYNASITLQQQLKELTAPDENIPAKILSYNRANRAVAILCNHQRAPPKTFEKSMMNLQTKIDA
KKEQLADARRDLKSAKADAKVMKDAKTKKVVESKKKAVQRLEEQLMKLEVQATDREENKQIALGTSKLN(PTR)LDPRIT
VAWCKKWGVPIEKIYNKTQREKFAWAIDMADEDYEF
;
A
#
loop_
_chem_comp.id
_chem_comp.type
_chem_comp.name
_chem_comp.formula
DA DNA linking 2'-DEOXYADENOSINE-5'-MONOPHOSPHATE 'C10 H14 N5 O6 P'
DC DNA linking 2'-DEOXYCYTIDINE-5'-MONOPHOSPHATE 'C9 H14 N3 O7 P'
DG DNA linking 2'-DEOXYGUANOSINE-5'-MONOPHOSPHATE 'C10 H14 N5 O7 P'
DT DNA linking THYMIDINE-5'-MONOPHOSPHATE 'C10 H15 N2 O8 P'
EHD non-polymer 4-ETHYL-4-HYDROXY-1,12-DIHYDRO-4H-2-OXA-6,12A-DIAZA-DIBENZO[B,H]FLUORENE-3,13-DIONE 'C20 H16 N2 O4'
TGP DNA linking '5'-THIO-2'-DEOXY-GUANOSINE PHOSPHONIC ACID' 'C10 H14 N5 O6 P S'
#
# COMPACT_ATOMS: atom_id res chain seq x y z
S5' TGP B 1 2.28 3.90 -0.80
N9 TGP B 1 2.32 0.51 2.45
C4 TGP B 1 2.47 0.12 3.76
N3 TGP B 1 1.50 0.05 4.68
C2 TGP B 1 1.96 -0.39 5.83
N2 TGP B 1 1.13 -0.58 6.86
N1 TGP B 1 3.26 -0.68 6.07
C6 TGP B 1 4.28 -0.60 5.14
O6 TGP B 1 5.46 -0.88 5.45
C5 TGP B 1 3.81 -0.18 3.89
N7 TGP B 1 4.49 0.01 2.69
C8 TGP B 1 3.56 0.42 1.87
C2' TGP B 1 0.78 2.39 1.91
C5' TGP B 1 1.49 2.28 -1.36
C4' TGP B 1 0.54 1.69 -0.34
O4' TGP B 1 1.18 0.64 0.42
C1' TGP B 1 1.08 0.92 1.81
C3' TGP B 1 -0.12 2.59 0.70
O3' TGP B 1 -1.44 2.08 1.06
N GLN D 28 26.36 10.68 -11.22
CA GLN D 28 26.61 9.58 -12.20
C GLN D 28 25.31 8.91 -12.66
N LYS D 29 24.72 8.06 -11.80
CA LYS D 29 23.48 7.27 -12.03
C LYS D 29 23.60 6.21 -13.13
N TRP D 30 23.62 4.97 -12.67
CA TRP D 30 23.74 3.79 -13.52
C TRP D 30 22.46 3.46 -14.22
N LYS D 31 22.49 3.58 -15.54
CA LYS D 31 21.35 3.26 -16.36
C LYS D 31 21.34 1.76 -16.61
N TRP D 32 20.82 0.99 -15.65
CA TRP D 32 20.75 -0.47 -15.77
C TRP D 32 19.83 -1.01 -16.86
N TRP D 33 18.85 -0.19 -17.25
CA TRP D 33 17.86 -0.53 -18.27
C TRP D 33 18.44 -0.54 -19.68
N GLU D 34 19.68 -0.05 -19.76
CA GLU D 34 20.41 -0.01 -21.01
C GLU D 34 21.27 -1.26 -21.11
N GLU D 35 21.40 -2.00 -20.00
CA GLU D 35 22.19 -3.24 -19.95
C GLU D 35 21.43 -4.41 -20.52
N GLU D 36 22.21 -5.46 -20.84
CA GLU D 36 21.67 -6.70 -21.38
C GLU D 36 21.07 -7.50 -20.24
N ARG D 37 19.82 -7.92 -20.44
CA ARG D 37 19.03 -8.70 -19.48
C ARG D 37 19.84 -9.78 -18.76
N TYR D 38 19.72 -9.80 -17.45
CA TYR D 38 20.41 -10.77 -16.60
C TYR D 38 19.93 -12.21 -16.95
N PRO D 39 20.82 -13.07 -17.50
CA PRO D 39 20.50 -14.46 -17.89
C PRO D 39 19.67 -15.23 -16.87
N GLU D 40 18.52 -15.73 -17.32
CA GLU D 40 17.53 -16.48 -16.51
C GLU D 40 18.10 -17.47 -15.46
N GLY D 41 17.57 -17.35 -14.24
CA GLY D 41 17.99 -18.18 -13.14
C GLY D 41 18.84 -17.40 -12.16
N ILE D 42 20.07 -17.10 -12.56
CA ILE D 42 21.00 -16.33 -11.72
C ILE D 42 20.51 -14.91 -11.53
N LYS D 43 20.66 -14.42 -10.30
CA LYS D 43 20.23 -13.09 -9.93
C LYS D 43 21.45 -12.20 -9.76
N TRP D 44 22.56 -12.79 -9.34
CA TRP D 44 23.81 -12.05 -9.13
C TRP D 44 25.04 -12.94 -9.15
N LYS D 45 26.19 -12.30 -9.42
CA LYS D 45 27.50 -12.96 -9.48
C LYS D 45 28.27 -12.68 -8.18
N PHE D 46 28.08 -11.49 -7.63
CA PHE D 46 28.73 -11.03 -6.40
C PHE D 46 27.74 -10.22 -5.52
N LEU D 47 27.75 -10.52 -4.21
CA LEU D 47 26.89 -9.84 -3.22
C LEU D 47 27.59 -9.68 -1.89
N GLU D 48 27.80 -8.43 -1.46
CA GLU D 48 28.43 -8.13 -0.18
C GLU D 48 27.58 -7.14 0.55
N HIS D 49 27.45 -7.31 1.88
CA HIS D 49 26.66 -6.38 2.73
C HIS D 49 26.96 -6.44 4.22
N LYS D 50 26.84 -5.29 4.90
CA LYS D 50 27.13 -5.24 6.35
C LYS D 50 26.16 -6.02 7.25
N GLY D 51 25.14 -6.63 6.66
CA GLY D 51 24.20 -7.39 7.45
C GLY D 51 23.04 -6.59 8.00
N PRO D 52 22.19 -7.20 8.86
CA PRO D 52 21.02 -6.54 9.47
C PRO D 52 21.29 -5.74 10.74
N VAL D 53 20.52 -4.68 10.99
CA VAL D 53 20.67 -3.91 12.24
C VAL D 53 19.62 -4.47 13.19
N PHE D 54 20.03 -4.79 14.41
CA PHE D 54 19.09 -5.34 15.36
C PHE D 54 18.32 -4.28 16.07
N ALA D 55 17.17 -4.69 16.59
CA ALA D 55 16.28 -3.82 17.31
C ALA D 55 16.94 -3.42 18.63
N PRO D 56 16.95 -2.10 18.98
CA PRO D 56 17.54 -1.52 20.19
C PRO D 56 17.13 -2.23 21.50
N PRO D 57 18.11 -2.59 22.36
CA PRO D 57 17.84 -3.29 23.64
C PRO D 57 16.84 -2.59 24.53
N TYR D 58 16.21 -3.39 25.39
CA TYR D 58 15.19 -2.90 26.30
C TYR D 58 15.78 -2.17 27.50
N GLU D 59 15.23 -0.99 27.77
CA GLU D 59 15.65 -0.14 28.90
C GLU D 59 14.55 -0.28 29.96
N PRO D 60 14.79 -1.04 31.08
CA PRO D 60 13.73 -1.17 32.08
C PRO D 60 13.20 0.14 32.68
N LEU D 61 12.11 0.01 33.42
CA LEU D 61 11.41 1.16 34.00
C LEU D 61 12.07 1.70 35.26
N PRO D 62 12.01 3.03 35.47
CA PRO D 62 12.59 3.65 36.68
C PRO D 62 11.88 3.30 38.00
N GLU D 63 12.40 3.81 39.10
CA GLU D 63 11.86 3.57 40.44
C GLU D 63 10.44 4.06 40.66
N ASN D 64 10.17 5.27 40.18
CA ASN D 64 8.87 5.95 40.30
C ASN D 64 7.72 5.41 39.43
N VAL D 65 8.02 4.46 38.54
CA VAL D 65 7.01 3.85 37.66
C VAL D 65 6.79 2.40 38.13
N LYS D 66 5.84 2.28 39.08
CA LYS D 66 5.49 1.01 39.70
C LYS D 66 4.29 0.29 39.05
N PHE D 67 4.34 -1.05 39.06
CA PHE D 67 3.28 -1.90 38.52
C PHE D 67 2.57 -2.52 39.70
N TYR D 68 1.24 -2.62 39.59
CA TYR D 68 0.42 -3.17 40.66
C TYR D 68 -0.40 -4.37 40.23
N TYR D 69 -0.46 -5.38 41.09
CA TYR D 69 -1.27 -6.57 40.88
C TYR D 69 -2.09 -6.74 42.16
N ASP D 70 -3.39 -6.98 42.01
CA ASP D 70 -4.34 -7.16 43.13
C ASP D 70 -4.30 -5.94 44.08
N GLY D 71 -3.79 -4.83 43.57
CA GLY D 71 -3.68 -3.58 44.32
C GLY D 71 -2.32 -3.31 44.95
N LYS D 72 -1.62 -4.37 45.32
CA LYS D 72 -0.30 -4.33 45.98
C LYS D 72 0.89 -4.46 45.03
N VAL D 73 1.90 -3.59 45.18
CA VAL D 73 3.12 -3.54 44.32
C VAL D 73 3.83 -4.85 43.98
N MET D 74 4.17 -4.97 42.69
CA MET D 74 4.83 -6.16 42.15
C MET D 74 6.08 -5.83 41.34
N LYS D 75 7.18 -6.53 41.67
CA LYS D 75 8.48 -6.37 41.01
C LYS D 75 8.52 -7.25 39.75
N LEU D 76 8.52 -6.60 38.59
CA LEU D 76 8.55 -7.30 37.33
C LEU D 76 9.93 -7.51 36.74
N SER D 77 10.30 -8.79 36.65
CA SER D 77 11.59 -9.21 36.12
C SER D 77 11.72 -8.75 34.68
N PRO D 78 12.92 -8.25 34.28
CA PRO D 78 13.25 -7.74 32.93
C PRO D 78 12.53 -8.37 31.74
N LYS D 79 12.42 -9.70 31.78
CA LYS D 79 11.76 -10.49 30.73
C LYS D 79 10.28 -10.15 30.67
N ALA D 80 9.62 -10.31 31.82
CA ALA D 80 8.19 -10.05 31.98
C ALA D 80 7.79 -8.58 31.92
N GLU D 81 8.67 -7.72 32.44
CA GLU D 81 8.43 -6.27 32.46
C GLU D 81 8.23 -5.72 31.07
N GLU D 82 8.98 -6.26 30.13
CA GLU D 82 8.91 -5.83 28.76
C GLU D 82 7.62 -6.21 28.09
N VAL D 83 7.24 -7.48 28.24
CA VAL D 83 6.01 -7.97 27.66
C VAL D 83 4.86 -7.17 28.24
N ALA D 84 5.03 -6.73 29.48
CA ALA D 84 4.03 -5.91 30.18
C ALA D 84 3.96 -4.47 29.64
N THR D 85 5.07 -3.97 29.09
CA THR D 85 5.07 -2.62 28.55
C THR D 85 4.31 -2.57 27.24
N PHE D 86 4.49 -3.60 26.44
CA PHE D 86 3.84 -3.67 25.13
C PHE D 86 2.34 -3.54 25.18
N PHE D 87 1.78 -4.00 26.30
CA PHE D 87 0.35 -3.96 26.53
C PHE D 87 0.01 -2.56 27.03
N ALA D 88 0.83 -2.07 27.99
CA ALA D 88 0.64 -0.75 28.60
C ALA D 88 0.54 0.36 27.59
N LYS D 89 1.45 0.35 26.62
CA LYS D 89 1.51 1.32 25.54
C LYS D 89 0.33 1.23 24.59
N MET D 90 -0.44 0.15 24.68
CA MET D 90 -1.59 -0.03 23.82
C MET D 90 -2.92 0.16 24.54
N LEU D 91 -2.88 0.28 25.87
CA LEU D 91 -4.07 0.47 26.72
C LEU D 91 -5.12 1.47 26.17
N ASP D 92 -4.61 2.46 25.44
CA ASP D 92 -5.40 3.53 24.82
C ASP D 92 -6.31 3.05 23.70
N HIS D 93 -5.92 1.95 23.05
CA HIS D 93 -6.68 1.35 21.96
C HIS D 93 -7.84 0.52 22.47
N GLU D 94 -8.93 0.51 21.68
CA GLU D 94 -10.17 -0.22 21.97
C GLU D 94 -10.03 -1.73 21.88
N TYR D 95 -9.02 -2.20 21.13
CA TYR D 95 -8.79 -3.64 20.97
C TYR D 95 -8.19 -4.38 22.15
N THR D 96 -7.60 -3.63 23.08
CA THR D 96 -7.04 -4.25 24.28
C THR D 96 -8.18 -4.84 25.16
N THR D 97 -9.42 -4.68 24.71
CA THR D 97 -10.55 -5.20 25.43
C THR D 97 -11.23 -6.37 24.73
N LYS D 98 -10.69 -6.80 23.58
CA LYS D 98 -11.24 -7.94 22.85
C LYS D 98 -10.80 -9.25 23.51
N GLU D 99 -11.69 -10.25 23.53
CA GLU D 99 -11.40 -11.58 24.12
C GLU D 99 -10.10 -12.21 23.65
N ILE D 100 -10.05 -12.49 22.34
CA ILE D 100 -8.91 -13.10 21.67
C ILE D 100 -7.61 -12.39 21.96
N PHE D 101 -7.65 -11.06 21.90
CA PHE D 101 -6.48 -10.23 22.17
C PHE D 101 -5.93 -10.48 23.54
N ARG D 102 -6.83 -10.42 24.51
CA ARG D 102 -6.45 -10.62 25.88
C ARG D 102 -6.12 -12.06 26.23
N LYS D 103 -6.76 -13.00 25.53
CA LYS D 103 -6.53 -14.44 25.75
C LYS D 103 -5.15 -14.83 25.27
N ASN D 104 -4.85 -14.47 24.03
CA ASN D 104 -3.55 -14.77 23.44
C ASN D 104 -2.44 -14.02 24.15
N PHE D 105 -2.72 -12.75 24.54
CA PHE D 105 -1.72 -11.95 25.22
C PHE D 105 -1.25 -12.59 26.51
N PHE D 106 -2.20 -12.76 27.44
CA PHE D 106 -1.93 -13.32 28.73
C PHE D 106 -1.18 -14.64 28.67
N LYS D 107 -1.53 -15.46 27.67
CA LYS D 107 -0.89 -16.76 27.50
C LYS D 107 0.56 -16.60 27.15
N ASP D 108 0.84 -15.66 26.25
CA ASP D 108 2.21 -15.37 25.78
C ASP D 108 3.04 -14.63 26.80
N TRP D 109 2.37 -14.00 27.77
CA TRP D 109 3.06 -13.28 28.83
C TRP D 109 3.51 -14.29 29.89
N ARG D 110 2.65 -15.29 30.15
CA ARG D 110 2.90 -16.35 31.15
C ARG D 110 4.22 -17.05 30.92
N LYS D 111 4.47 -17.38 29.65
CA LYS D 111 5.68 -18.04 29.24
C LYS D 111 6.92 -17.23 29.60
N GLU D 112 6.88 -15.92 29.31
CA GLU D 112 8.01 -15.02 29.58
C GLU D 112 8.10 -14.49 31.01
N MET D 113 7.49 -15.24 31.94
CA MET D 113 7.45 -14.92 33.39
C MET D 113 8.20 -15.93 34.26
N THR D 114 8.74 -15.45 35.39
CA THR D 114 9.44 -16.30 36.36
C THR D 114 8.39 -17.03 37.20
N ASN D 115 8.78 -18.07 37.94
CA ASN D 115 7.83 -18.82 38.76
C ASN D 115 7.28 -18.07 39.98
N GLU D 116 8.09 -17.16 40.52
CA GLU D 116 7.70 -16.31 41.66
C GLU D 116 6.72 -15.25 41.14
N GLU D 117 6.44 -15.31 39.83
CA GLU D 117 5.51 -14.41 39.12
C GLU D 117 4.40 -15.21 38.42
N LYS D 118 4.70 -16.44 38.01
CA LYS D 118 3.73 -17.32 37.35
C LYS D 118 2.78 -17.89 38.40
N ASN D 119 3.15 -17.73 39.67
CA ASN D 119 2.37 -18.20 40.80
C ASN D 119 1.37 -17.17 41.26
N ILE D 120 1.80 -15.90 41.21
CA ILE D 120 0.99 -14.73 41.61
C ILE D 120 -0.01 -14.26 40.53
N ILE D 121 0.48 -13.98 39.33
CA ILE D 121 -0.35 -13.50 38.24
C ILE D 121 -1.17 -14.59 37.57
N THR D 122 -2.38 -14.80 38.07
CA THR D 122 -3.31 -15.80 37.53
C THR D 122 -4.14 -15.25 36.35
N ASN D 123 -4.41 -13.94 36.38
CA ASN D 123 -5.20 -13.28 35.35
C ASN D 123 -4.71 -11.88 35.02
N LEU D 124 -5.05 -11.44 33.80
CA LEU D 124 -4.69 -10.12 33.29
C LEU D 124 -5.54 -9.05 33.93
N SER D 125 -6.77 -9.44 34.25
CA SER D 125 -7.78 -8.55 34.81
C SER D 125 -7.44 -7.92 36.16
N LYS D 126 -6.55 -8.56 36.92
CA LYS D 126 -6.15 -8.02 38.22
C LYS D 126 -4.84 -7.20 38.16
N CYS D 127 -4.31 -7.02 36.95
CA CYS D 127 -3.06 -6.31 36.76
C CYS D 127 -3.31 -4.88 36.39
N ASP D 128 -2.63 -3.97 37.07
CA ASP D 128 -2.79 -2.55 36.83
C ASP D 128 -1.60 -1.94 36.11
N PHE D 129 -1.80 -1.61 34.84
CA PHE D 129 -0.74 -1.04 34.01
C PHE D 129 -0.80 0.47 33.94
N THR D 130 -1.85 1.05 34.53
CA THR D 130 -2.11 2.51 34.49
C THR D 130 -0.94 3.48 34.66
N GLN D 131 -0.03 3.14 35.57
CA GLN D 131 1.13 3.98 35.80
C GLN D 131 2.15 3.88 34.69
N MET D 132 2.37 2.64 34.24
CA MET D 132 3.29 2.34 33.15
C MET D 132 2.80 3.09 31.94
N SER D 133 1.52 2.90 31.64
CA SER D 133 0.88 3.56 30.50
C SER D 133 0.98 5.08 30.52
N GLN D 134 0.98 5.66 31.74
CA GLN D 134 1.08 7.12 31.92
C GLN D 134 2.46 7.69 31.65
N TYR D 135 3.50 6.95 32.06
CA TYR D 135 4.90 7.33 31.86
C TYR D 135 5.22 7.42 30.37
N PHE D 136 4.75 6.43 29.62
CA PHE D 136 4.99 6.37 28.20
C PHE D 136 4.30 7.47 27.39
N LYS D 137 3.21 8.02 27.93
CA LYS D 137 2.53 9.12 27.24
C LYS D 137 3.25 10.43 27.57
N ALA D 138 4.07 10.37 28.63
CA ALA D 138 4.85 11.51 29.10
C ALA D 138 6.17 11.57 28.33
N GLN D 139 6.70 10.40 27.96
CA GLN D 139 7.94 10.26 27.20
C GLN D 139 7.77 10.88 25.83
N THR D 140 6.61 10.67 25.23
CA THR D 140 6.29 11.19 23.91
C THR D 140 6.19 12.72 23.98
N GLU D 141 5.73 13.24 25.12
CA GLU D 141 5.63 14.67 25.33
C GLU D 141 7.00 15.29 25.55
N ALA D 142 7.76 14.72 26.46
CA ALA D 142 9.12 15.17 26.79
C ALA D 142 10.11 14.98 25.63
N ARG D 143 9.70 14.19 24.65
CA ARG D 143 10.51 13.94 23.46
C ARG D 143 10.25 15.09 22.51
N LYS D 144 8.97 15.41 22.28
CA LYS D 144 8.62 16.50 21.37
C LYS D 144 8.93 17.89 21.95
N GLN D 145 9.73 17.91 23.01
CA GLN D 145 10.18 19.13 23.69
C GLN D 145 11.69 19.02 23.89
N MET D 146 12.40 18.67 22.82
CA MET D 146 13.86 18.52 22.88
C MET D 146 14.59 19.77 22.40
N SER D 147 15.92 19.72 22.53
CA SER D 147 16.80 20.81 22.11
C SER D 147 17.39 20.49 20.74
N LYS D 148 17.64 21.53 19.92
CA LYS D 148 18.22 21.39 18.57
C LYS D 148 19.73 21.03 18.67
N GLU D 149 20.08 20.41 19.79
CA GLU D 149 21.42 19.94 20.10
C GLU D 149 21.31 18.42 20.19
N GLU D 150 20.28 17.96 20.91
CA GLU D 150 19.99 16.53 21.08
C GLU D 150 19.33 16.01 19.80
N LYS D 151 18.32 16.75 19.32
CA LYS D 151 17.54 16.44 18.11
C LYS D 151 18.40 16.43 16.85
N LEU D 152 19.46 17.22 16.90
CA LEU D 152 20.41 17.35 15.81
C LEU D 152 21.46 16.24 15.90
N LYS D 153 21.74 15.77 17.12
CA LYS D 153 22.72 14.71 17.31
C LYS D 153 22.11 13.36 16.88
N ILE D 154 20.86 13.11 17.28
CA ILE D 154 20.16 11.86 16.93
C ILE D 154 19.99 11.80 15.41
N LYS D 155 19.62 12.93 14.80
CA LYS D 155 19.42 12.99 13.35
C LYS D 155 20.73 12.85 12.56
N GLU D 156 21.84 12.75 13.27
CA GLU D 156 23.15 12.57 12.68
C GLU D 156 23.61 11.14 12.92
N GLU D 157 23.34 10.63 14.12
CA GLU D 157 23.71 9.26 14.49
C GLU D 157 22.85 8.31 13.67
N ASN D 158 21.68 8.80 13.25
CA ASN D 158 20.74 8.07 12.42
C ASN D 158 21.18 8.11 10.97
N GLU D 159 22.04 9.07 10.65
CA GLU D 159 22.56 9.15 9.29
C GLU D 159 23.83 8.31 9.15
N LYS D 160 24.58 8.09 10.24
CA LYS D 160 25.80 7.28 10.18
C LYS D 160 25.49 5.77 10.14
N LEU D 161 24.22 5.44 10.38
CA LEU D 161 23.73 4.07 10.38
C LEU D 161 23.27 3.72 8.97
N LEU D 162 22.61 4.69 8.33
CA LEU D 162 22.09 4.58 6.95
C LEU D 162 23.21 4.44 5.92
N LYS D 163 24.39 4.94 6.27
CA LYS D 163 25.53 4.87 5.36
C LYS D 163 26.18 3.52 5.46
N GLU D 164 26.56 3.11 6.67
CA GLU D 164 27.23 1.83 6.87
C GLU D 164 26.36 0.58 6.66
N TYR D 165 25.06 0.68 6.98
CA TYR D 165 24.13 -0.47 6.91
C TYR D 165 23.08 -0.54 5.83
N GLY D 166 22.73 0.62 5.28
CA GLY D 166 21.70 0.73 4.25
C GLY D 166 22.09 0.59 2.78
N PHE D 167 23.37 0.32 2.51
CA PHE D 167 23.86 0.16 1.14
C PHE D 167 24.60 -1.12 1.03
N CYS D 168 24.20 -1.92 0.06
CA CYS D 168 24.86 -3.19 -0.19
C CYS D 168 25.43 -3.11 -1.59
N ILE D 169 26.36 -4.02 -1.87
CA ILE D 169 26.99 -4.09 -3.18
C ILE D 169 26.47 -5.30 -3.92
N MET D 170 25.78 -5.05 -5.02
CA MET D 170 25.33 -6.13 -5.86
C MET D 170 25.99 -5.81 -7.17
N ASP D 171 26.71 -6.82 -7.68
CA ASP D 171 27.42 -6.77 -8.95
C ASP D 171 27.94 -5.45 -9.47
N ASN D 172 29.21 -5.15 -9.23
CA ASN D 172 29.81 -3.91 -9.76
C ASN D 172 29.15 -2.60 -9.32
N HIS D 173 28.10 -2.68 -8.50
CA HIS D 173 27.40 -1.47 -8.06
C HIS D 173 26.94 -1.44 -6.62
N LYS D 174 26.78 -0.21 -6.12
CA LYS D 174 26.37 0.15 -4.76
C LYS D 174 24.88 0.51 -4.82
N GLU D 175 24.03 -0.39 -4.31
CA GLU D 175 22.57 -0.18 -4.32
C GLU D 175 21.98 -0.22 -2.93
N ARG D 176 20.92 0.58 -2.75
CA ARG D 176 20.25 0.71 -1.46
C ARG D 176 19.42 -0.48 -1.01
N ILE D 177 19.39 -0.67 0.30
CA ILE D 177 18.62 -1.72 0.97
C ILE D 177 17.29 -1.07 1.42
N ALA D 178 16.19 -1.82 1.33
CA ALA D 178 14.90 -1.30 1.71
C ALA D 178 14.62 -1.09 3.21
N ASN D 179 14.66 -2.14 4.01
CA ASN D 179 14.29 -2.05 5.43
C ASN D 179 15.35 -2.78 6.27
N PHE D 180 16.61 -2.32 6.21
CA PHE D 180 17.74 -2.92 6.92
C PHE D 180 17.59 -3.05 8.45
N LYS D 181 16.62 -2.33 8.99
CA LYS D 181 16.36 -2.35 10.42
C LYS D 181 15.35 -3.44 10.74
N ILE D 182 15.76 -4.42 11.53
CA ILE D 182 14.90 -5.52 11.94
C ILE D 182 13.87 -4.99 12.91
N GLU D 183 12.62 -5.38 12.65
CA GLU D 183 11.44 -4.95 13.39
C GLU D 183 11.47 -5.33 14.87
N PRO D 184 11.24 -4.37 15.77
CA PRO D 184 11.25 -4.65 17.22
C PRO D 184 10.15 -5.63 17.69
N PRO D 185 10.33 -6.24 18.89
CA PRO D 185 9.32 -7.16 19.37
C PRO D 185 8.21 -6.40 20.01
N GLY D 186 7.01 -6.92 19.85
CA GLY D 186 5.83 -6.29 20.41
C GLY D 186 4.68 -7.27 20.41
N LEU D 187 3.48 -6.72 20.23
CA LEU D 187 2.27 -7.50 20.23
C LEU D 187 1.60 -7.45 18.90
N PHE D 188 1.14 -8.62 18.47
CA PHE D 188 0.46 -8.75 17.19
C PHE D 188 -0.90 -8.18 17.19
N ARG D 189 -1.17 -7.42 16.14
CA ARG D 189 -2.46 -6.84 15.97
C ARG D 189 -3.00 -7.30 14.66
N GLY D 190 -2.19 -7.15 13.61
CA GLY D 190 -2.63 -7.55 12.28
C GLY D 190 -3.82 -6.71 11.82
N ARG D 191 -4.40 -7.09 10.69
CA ARG D 191 -5.54 -6.34 10.18
C ARG D 191 -6.77 -7.21 10.23
N GLY D 192 -7.93 -6.58 10.36
CA GLY D 192 -9.17 -7.34 10.47
C GLY D 192 -9.28 -8.12 11.78
N ASN D 193 -10.30 -8.98 11.86
CA ASN D 193 -10.46 -9.79 13.06
C ASN D 193 -9.57 -11.04 12.87
N HIS D 194 -8.34 -10.92 13.38
CA HIS D 194 -7.30 -11.96 13.32
C HIS D 194 -7.23 -12.75 14.64
N PRO D 195 -7.25 -14.11 14.52
CA PRO D 195 -7.18 -15.14 15.57
C PRO D 195 -5.96 -15.05 16.44
N LYS D 196 -4.86 -14.60 15.87
CA LYS D 196 -3.65 -14.51 16.66
C LYS D 196 -3.37 -13.14 17.33
N MET D 197 -4.32 -12.18 17.28
CA MET D 197 -4.06 -10.85 17.87
C MET D 197 -3.74 -10.84 19.34
N GLY D 198 -2.66 -10.18 19.72
CA GLY D 198 -2.26 -10.15 21.11
C GLY D 198 -1.10 -11.06 21.42
N MET D 199 -0.68 -11.88 20.47
CA MET D 199 0.46 -12.76 20.71
C MET D 199 1.76 -12.00 20.75
N LEU D 200 2.76 -12.56 21.39
CA LEU D 200 4.06 -11.92 21.50
C LEU D 200 4.87 -12.14 20.23
N LYS D 201 5.47 -11.08 19.72
CA LYS D 201 6.34 -11.16 18.54
C LYS D 201 7.66 -11.17 19.27
N ARG D 202 8.37 -12.30 19.23
CA ARG D 202 9.65 -12.41 19.95
C ARG D 202 10.75 -11.50 19.39
N ARG D 203 11.81 -11.30 20.16
CA ARG D 203 12.94 -10.47 19.73
C ARG D 203 13.86 -11.26 18.85
N ILE D 204 14.05 -10.79 17.61
CA ILE D 204 14.90 -11.46 16.63
C ILE D 204 16.37 -11.36 17.00
N MET D 205 16.94 -12.51 17.35
CA MET D 205 18.33 -12.68 17.74
C MET D 205 19.17 -13.12 16.50
N PRO D 206 20.54 -12.95 16.54
CA PRO D 206 21.39 -13.36 15.41
C PRO D 206 21.20 -14.81 15.05
N GLU D 207 20.85 -15.63 16.05
CA GLU D 207 20.63 -17.06 15.84
C GLU D 207 19.34 -17.40 15.08
N ASP D 208 18.71 -16.39 14.49
CA ASP D 208 17.51 -16.64 13.73
C ASP D 208 17.80 -16.23 12.33
N ILE D 209 18.80 -15.35 12.21
CA ILE D 209 19.21 -14.75 10.94
C ILE D 209 19.97 -15.66 10.03
N ILE D 210 19.52 -15.69 8.78
CA ILE D 210 20.17 -16.48 7.77
C ILE D 210 20.80 -15.48 6.81
N ILE D 211 22.10 -15.27 6.89
CA ILE D 211 22.80 -14.35 5.98
C ILE D 211 22.90 -15.01 4.60
N ASN D 212 23.05 -14.19 3.58
CA ASN D 212 23.15 -14.65 2.21
C ASN D 212 24.03 -13.69 1.50
N CYS D 213 25.04 -14.23 0.83
CA CYS D 213 25.99 -13.41 0.07
C CYS D 213 26.92 -14.31 -0.70
N SER D 214 27.70 -13.71 -1.59
CA SER D 214 28.64 -14.47 -2.43
C SER D 214 29.86 -14.99 -1.72
N LYS D 215 30.33 -16.14 -2.23
CA LYS D 215 31.48 -16.84 -1.71
C LYS D 215 32.71 -15.95 -1.60
N ASP D 216 32.90 -15.08 -2.59
CA ASP D 216 34.04 -14.18 -2.62
C ASP D 216 33.81 -12.86 -1.93
N ALA D 217 32.69 -12.75 -1.23
CA ALA D 217 32.35 -11.53 -0.52
C ALA D 217 32.66 -11.63 0.96
N LYS D 218 33.06 -10.51 1.55
CA LYS D 218 33.37 -10.47 2.97
C LYS D 218 32.08 -10.68 3.75
N VAL D 219 32.05 -11.80 4.47
CA VAL D 219 30.93 -12.21 5.30
C VAL D 219 30.78 -11.21 6.48
N PRO D 220 29.57 -10.72 6.75
CA PRO D 220 29.38 -9.78 7.86
C PRO D 220 29.60 -10.36 9.25
N SER D 221 30.25 -9.60 10.12
CA SER D 221 30.52 -10.05 11.48
C SER D 221 29.31 -9.90 12.39
N PRO D 222 28.89 -11.01 13.04
CA PRO D 222 27.75 -11.05 13.96
C PRO D 222 27.96 -10.31 15.26
N PRO D 223 26.86 -9.91 15.94
CA PRO D 223 27.01 -9.22 17.22
C PRO D 223 27.86 -10.11 18.14
N PRO D 224 28.84 -9.51 18.83
CA PRO D 224 29.77 -10.19 19.75
C PRO D 224 29.21 -11.36 20.56
N GLY D 225 29.91 -12.49 20.42
CA GLY D 225 29.54 -13.73 21.09
C GLY D 225 28.29 -14.38 20.53
N HIS D 226 28.12 -14.29 19.21
CA HIS D 226 26.95 -14.90 18.59
C HIS D 226 27.30 -15.55 17.29
N LYS D 227 26.32 -16.25 16.74
CA LYS D 227 26.49 -16.92 15.48
C LYS D 227 25.19 -16.68 14.76
N TRP D 228 25.24 -16.43 13.46
CA TRP D 228 24.01 -16.27 12.72
C TRP D 228 23.59 -17.72 12.53
N LYS D 229 22.33 -17.94 12.15
CA LYS D 229 21.82 -19.31 11.95
C LYS D 229 22.57 -19.95 10.81
N GLU D 230 22.69 -19.25 9.71
CA GLU D 230 23.35 -19.80 8.54
C GLU D 230 23.95 -18.73 7.66
N VAL D 231 25.08 -19.03 7.05
CA VAL D 231 25.69 -18.11 6.11
C VAL D 231 25.44 -18.83 4.79
N ARG D 232 24.42 -18.37 4.05
CA ARG D 232 24.01 -18.93 2.75
C ARG D 232 24.77 -18.30 1.58
N HIS D 233 24.67 -18.92 0.39
CA HIS D 233 25.31 -18.44 -0.84
C HIS D 233 24.39 -18.59 -2.04
N ASP D 234 23.11 -18.87 -1.78
CA ASP D 234 22.11 -19.06 -2.83
C ASP D 234 21.94 -17.83 -3.70
N ASN D 235 22.46 -17.96 -4.92
CA ASN D 235 22.43 -16.95 -5.96
C ASN D 235 21.22 -17.01 -6.90
N LYS D 236 20.23 -17.81 -6.53
CA LYS D 236 19.02 -17.91 -7.34
C LYS D 236 17.98 -17.05 -6.63
N VAL D 237 18.40 -16.37 -5.54
CA VAL D 237 17.51 -15.48 -4.77
C VAL D 237 18.01 -14.04 -4.80
N THR D 238 17.17 -13.11 -4.35
CA THR D 238 17.51 -11.69 -4.34
C THR D 238 17.75 -11.15 -2.96
N TRP D 239 17.45 -11.96 -1.94
CA TRP D 239 17.57 -11.51 -0.56
C TRP D 239 18.89 -11.50 0.11
N LEU D 240 19.03 -10.57 1.04
CA LEU D 240 20.26 -10.41 1.77
C LEU D 240 20.27 -11.12 3.11
N VAL D 241 19.10 -11.22 3.72
CA VAL D 241 18.92 -11.79 5.05
C VAL D 241 17.50 -12.35 5.16
N SER D 242 17.33 -13.45 5.89
CA SER D 242 15.99 -13.95 6.12
C SER D 242 15.86 -14.55 7.50
N TRP D 243 14.64 -14.51 8.02
CA TRP D 243 14.33 -15.07 9.33
C TRP D 243 12.88 -15.45 9.36
N THR D 244 12.58 -16.39 10.24
CA THR D 244 11.24 -16.89 10.36
C THR D 244 10.71 -16.26 11.59
N GLU D 245 9.65 -15.46 11.41
CA GLU D 245 8.99 -14.79 12.52
C GLU D 245 8.06 -15.82 13.14
N ASN D 246 7.79 -15.69 14.44
CA ASN D 246 6.95 -16.64 15.18
C ASN D 246 5.41 -16.55 15.12
N ILE D 247 4.82 -15.43 14.71
CA ILE D 247 3.36 -15.32 14.71
C ILE D 247 2.72 -16.28 13.70
N GLN D 248 3.21 -16.26 12.45
CA GLN D 248 2.67 -17.09 11.36
C GLN D 248 3.62 -18.22 10.97
N GLY D 249 4.91 -18.02 11.23
CA GLY D 249 5.88 -19.01 10.85
C GLY D 249 6.21 -18.71 9.41
N SER D 250 5.93 -17.49 8.96
CA SER D 250 6.24 -17.08 7.58
C SER D 250 7.67 -16.57 7.60
N ILE D 251 8.29 -16.45 6.44
CA ILE D 251 9.68 -15.97 6.39
C ILE D 251 9.77 -14.50 6.05
N LYS D 252 10.45 -13.73 6.89
CA LYS D 252 10.64 -12.30 6.61
C LYS D 252 11.97 -12.14 5.89
N TYR D 253 12.12 -11.06 5.12
CA TYR D 253 13.35 -10.79 4.35
C TYR D 253 13.82 -9.35 4.39
N ILE D 254 15.09 -9.17 4.10
CA ILE D 254 15.61 -7.83 3.98
C ILE D 254 16.02 -7.84 2.54
N MET D 255 15.19 -7.23 1.69
CA MET D 255 15.44 -7.13 0.25
C MET D 255 15.87 -5.73 -0.16
N LEU D 256 16.36 -5.60 -1.39
CA LEU D 256 16.84 -4.31 -1.90
C LEU D 256 15.75 -3.28 -2.14
N ASN D 257 16.19 -2.02 -2.22
CA ASN D 257 15.31 -0.89 -2.45
C ASN D 257 14.73 -0.94 -3.86
N PRO D 258 13.45 -0.56 -4.01
CA PRO D 258 12.78 -0.57 -5.31
C PRO D 258 13.50 0.15 -6.41
N SER D 259 14.38 1.06 -6.03
CA SER D 259 15.19 1.83 -6.97
C SER D 259 16.30 1.01 -7.62
N SER D 260 16.58 -0.14 -7.04
CA SER D 260 17.62 -1.05 -7.51
C SER D 260 17.34 -1.65 -8.89
N ARG D 261 18.33 -2.37 -9.42
CA ARG D 261 18.23 -3.03 -10.71
C ARG D 261 17.34 -4.22 -10.53
N ILE D 262 17.77 -5.09 -9.62
CA ILE D 262 17.07 -6.35 -9.34
C ILE D 262 15.56 -6.25 -9.07
N LYS D 263 15.12 -5.12 -8.50
CA LYS D 263 13.71 -4.93 -8.24
C LYS D 263 12.99 -4.31 -9.44
N GLY D 264 13.66 -3.34 -10.06
CA GLY D 264 13.10 -2.62 -11.19
C GLY D 264 13.03 -3.33 -12.53
N GLU D 265 13.81 -4.39 -12.74
CA GLU D 265 13.75 -5.12 -14.00
C GLU D 265 12.57 -6.07 -13.88
N LYS D 266 12.29 -6.43 -12.63
CA LYS D 266 11.21 -7.32 -12.29
C LYS D 266 9.91 -6.59 -12.53
N ASP D 267 9.89 -5.34 -12.04
CA ASP D 267 8.77 -4.41 -12.12
C ASP D 267 8.43 -4.21 -13.59
N TRP D 268 9.45 -3.90 -14.37
CA TRP D 268 9.36 -3.63 -15.81
C TRP D 268 8.87 -4.82 -16.56
N GLN D 269 9.30 -6.00 -16.13
CA GLN D 269 8.86 -7.26 -16.74
C GLN D 269 7.36 -7.41 -16.50
N LYS D 270 6.94 -7.25 -15.24
CA LYS D 270 5.53 -7.36 -14.84
C LYS D 270 4.67 -6.50 -15.70
N TYR D 271 5.15 -5.32 -16.07
CA TYR D 271 4.36 -4.44 -16.94
C TYR D 271 4.33 -4.95 -18.36
N GLU D 272 5.50 -5.32 -18.89
CA GLU D 272 5.61 -5.84 -20.26
C GLU D 272 4.79 -7.11 -20.46
N THR D 273 4.53 -7.86 -19.38
CA THR D 273 3.73 -9.09 -19.38
C THR D 273 2.25 -8.75 -19.44
N ALA D 274 1.86 -7.64 -18.82
CA ALA D 274 0.48 -7.25 -18.86
C ALA D 274 0.23 -6.48 -20.13
N ARG D 275 1.32 -5.98 -20.70
CA ARG D 275 1.25 -5.25 -21.95
C ARG D 275 1.07 -6.29 -23.08
N ARG D 276 1.65 -7.49 -22.88
CA ARG D 276 1.51 -8.57 -23.85
C ARG D 276 0.12 -9.12 -23.80
N LEU D 277 -0.50 -9.08 -22.62
CA LEU D 277 -1.88 -9.56 -22.43
C LEU D 277 -2.83 -8.72 -23.29
N LYS D 278 -2.45 -7.46 -23.47
CA LYS D 278 -3.24 -6.53 -24.26
C LYS D 278 -3.45 -6.97 -25.71
N LYS D 279 -2.39 -7.42 -26.39
CA LYS D 279 -2.53 -7.83 -27.79
C LYS D 279 -3.38 -9.08 -28.11
N CYS D 280 -3.76 -9.82 -27.07
CA CYS D 280 -4.63 -10.98 -27.23
C CYS D 280 -5.58 -11.18 -26.03
N VAL D 281 -6.08 -10.04 -25.52
CA VAL D 281 -7.01 -10.03 -24.41
C VAL D 281 -8.41 -10.36 -24.92
N ASP D 282 -8.80 -9.73 -26.03
CA ASP D 282 -10.11 -9.94 -26.64
C ASP D 282 -10.29 -11.38 -27.12
N LYS D 283 -9.16 -12.03 -27.41
CA LYS D 283 -9.13 -13.43 -27.85
C LYS D 283 -9.64 -14.26 -26.67
N ILE D 284 -9.06 -14.02 -25.49
CA ILE D 284 -9.43 -14.74 -24.26
C ILE D 284 -10.86 -14.45 -23.87
N ARG D 285 -11.30 -13.23 -24.16
CA ARG D 285 -12.65 -12.81 -23.86
C ARG D 285 -13.66 -13.49 -24.77
N ASN D 286 -13.21 -13.91 -25.96
CA ASN D 286 -14.07 -14.64 -26.88
C ASN D 286 -14.31 -16.04 -26.28
N GLN D 287 -13.20 -16.68 -25.87
CA GLN D 287 -13.23 -18.02 -25.31
C GLN D 287 -13.95 -18.14 -23.99
N TYR D 288 -13.58 -17.34 -22.98
CA TYR D 288 -14.28 -17.47 -21.70
C TYR D 288 -15.77 -17.17 -21.81
N ARG D 289 -16.18 -16.55 -22.92
CA ARG D 289 -17.58 -16.25 -23.17
C ARG D 289 -18.29 -17.55 -23.52
N GLU D 290 -17.82 -18.21 -24.58
CA GLU D 290 -18.42 -19.47 -25.02
C GLU D 290 -18.10 -20.66 -24.10
N ASP D 291 -17.17 -20.47 -23.14
CA ASP D 291 -16.82 -21.51 -22.18
C ASP D 291 -17.94 -21.67 -21.18
N TRP D 292 -18.76 -20.63 -21.06
CA TRP D 292 -19.92 -20.62 -20.16
C TRP D 292 -20.98 -21.58 -20.69
N LYS D 293 -20.76 -22.03 -21.94
CA LYS D 293 -21.66 -22.94 -22.65
C LYS D 293 -21.03 -24.32 -22.92
N SER D 294 -20.03 -24.71 -22.13
CA SER D 294 -19.36 -26.02 -22.32
C SER D 294 -20.06 -27.15 -21.57
N LYS D 295 -19.67 -28.39 -21.90
CA LYS D 295 -20.25 -29.61 -21.30
C LYS D 295 -20.05 -29.74 -19.78
N GLU D 296 -18.82 -29.43 -19.37
CA GLU D 296 -18.36 -29.52 -17.98
C GLU D 296 -18.59 -28.28 -17.12
N MET D 297 -18.91 -28.55 -15.85
CA MET D 297 -19.14 -27.53 -14.83
C MET D 297 -17.77 -26.92 -14.51
N LYS D 298 -16.74 -27.77 -14.54
CA LYS D 298 -15.35 -27.42 -14.27
C LYS D 298 -14.79 -26.36 -15.21
N VAL D 299 -15.28 -26.36 -16.46
CA VAL D 299 -14.83 -25.38 -17.44
C VAL D 299 -15.72 -24.15 -17.33
N ARG D 300 -16.98 -24.36 -16.96
CA ARG D 300 -17.90 -23.23 -16.78
C ARG D 300 -17.51 -22.42 -15.54
N GLN D 301 -17.07 -23.13 -14.49
CA GLN D 301 -16.64 -22.51 -13.25
C GLN D 301 -15.42 -21.67 -13.52
N ARG D 302 -14.44 -22.30 -14.17
CA ARG D 302 -13.18 -21.67 -14.54
C ARG D 302 -13.38 -20.37 -15.32
N ALA D 303 -14.36 -20.39 -16.22
CA ALA D 303 -14.69 -19.24 -17.06
C ALA D 303 -15.44 -18.12 -16.34
N VAL D 304 -16.38 -18.49 -15.46
CA VAL D 304 -17.15 -17.49 -14.69
C VAL D 304 -16.20 -16.81 -13.71
N ALA D 305 -15.30 -17.59 -13.11
CA ALA D 305 -14.30 -17.06 -12.17
C ALA D 305 -13.39 -16.09 -12.90
N LEU D 306 -13.02 -16.46 -14.14
CA LEU D 306 -12.16 -15.64 -14.98
C LEU D 306 -12.83 -14.34 -15.34
N TYR D 307 -14.16 -14.37 -15.40
CA TYR D 307 -14.97 -13.19 -15.69
C TYR D 307 -14.85 -12.23 -14.51
N PHE D 308 -14.98 -12.82 -13.31
CA PHE D 308 -14.90 -12.10 -12.04
C PHE D 308 -13.55 -11.42 -11.91
N ILE D 309 -12.49 -12.12 -12.29
CA ILE D 309 -11.15 -11.56 -12.22
C ILE D 309 -10.93 -10.48 -13.29
N ASP D 310 -11.47 -10.72 -14.49
CA ASP D 310 -11.34 -9.76 -15.60
C ASP D 310 -12.22 -8.55 -15.38
N LYS D 311 -13.50 -8.66 -15.77
CA LYS D 311 -14.41 -7.54 -15.68
C LYS D 311 -14.73 -7.02 -14.29
N LEU D 312 -14.58 -7.86 -13.27
CA LEU D 312 -14.88 -7.37 -11.93
C LEU D 312 -13.71 -7.14 -10.97
N ALA D 313 -12.50 -7.07 -11.55
CA ALA D 313 -11.21 -6.82 -10.85
C ALA D 313 -10.99 -7.47 -9.46
N LEU D 314 -11.43 -8.72 -9.36
CA LEU D 314 -11.27 -9.53 -8.17
C LEU D 314 -9.86 -10.14 -8.22
N ARG D 315 -9.39 -10.54 -7.04
CA ARG D 315 -8.11 -11.18 -6.90
C ARG D 315 -8.37 -12.69 -7.06
N ALA D 316 -7.35 -13.46 -7.43
CA ALA D 316 -7.52 -14.90 -7.56
C ALA D 316 -7.35 -15.40 -6.15
N GLY D 317 -8.46 -15.58 -5.46
CA GLY D 317 -8.39 -15.98 -4.07
C GLY D 317 -7.92 -17.35 -3.62
N ASN D 318 -6.64 -17.43 -3.21
CA ASN D 318 -6.06 -18.69 -2.72
C ASN D 318 -6.77 -19.11 -1.45
N GLU D 319 -6.69 -20.40 -1.18
CA GLU D 319 -7.25 -20.98 0.04
C GLU D 319 -6.25 -20.58 1.16
N LYS D 320 -6.73 -20.38 2.38
CA LYS D 320 -5.83 -20.05 3.48
C LYS D 320 -6.23 -20.79 4.73
N GLU D 321 -5.27 -21.07 5.62
CA GLU D 321 -5.56 -21.80 6.86
C GLU D 321 -6.50 -21.10 7.84
N GLU D 322 -7.68 -21.69 8.02
CA GLU D 322 -8.68 -21.13 8.93
C GLU D 322 -8.22 -21.31 10.38
N GLY D 323 -8.32 -20.23 11.16
CA GLY D 323 -7.89 -20.22 12.56
C GLY D 323 -6.42 -19.85 12.66
N GLU D 324 -5.87 -19.33 11.57
CA GLU D 324 -4.47 -18.88 11.50
C GLU D 324 -4.41 -17.52 10.83
N THR D 325 -5.56 -17.09 10.29
CA THR D 325 -5.71 -15.82 9.57
C THR D 325 -7.13 -15.30 9.70
N ALA D 326 -7.34 -14.06 9.29
CA ALA D 326 -8.67 -13.47 9.32
C ALA D 326 -9.46 -14.09 8.17
N ASP D 327 -10.74 -14.35 8.39
CA ASP D 327 -11.60 -14.93 7.36
C ASP D 327 -11.84 -13.88 6.31
N THR D 328 -11.15 -14.04 5.20
CA THR D 328 -11.21 -13.15 4.05
C THR D 328 -11.11 -13.99 2.81
N VAL D 329 -11.47 -13.43 1.65
CA VAL D 329 -11.42 -14.19 0.39
C VAL D 329 -10.97 -13.42 -0.87
N GLY D 330 -11.21 -14.06 -2.01
CA GLY D 330 -10.93 -13.53 -3.33
C GLY D 330 -11.80 -14.44 -4.18
N CYS D 331 -11.82 -14.25 -5.49
CA CYS D 331 -12.65 -15.05 -6.39
C CYS D 331 -12.67 -16.59 -6.31
N CYS D 332 -11.53 -17.25 -6.44
CA CYS D 332 -11.46 -18.70 -6.38
C CYS D 332 -11.85 -19.32 -5.04
N SER D 333 -11.86 -18.51 -3.99
CA SER D 333 -12.20 -18.96 -2.63
C SER D 333 -13.58 -18.52 -2.16
N LEU D 334 -14.25 -17.70 -2.98
CA LEU D 334 -15.57 -17.18 -2.67
C LEU D 334 -16.52 -18.26 -2.17
N ARG D 335 -17.00 -18.13 -0.94
CA ARG D 335 -17.96 -19.09 -0.43
C ARG D 335 -19.36 -18.72 -0.97
N VAL D 336 -20.35 -19.60 -0.80
CA VAL D 336 -21.69 -19.32 -1.31
C VAL D 336 -22.36 -18.11 -0.63
N GLU D 337 -22.14 -17.98 0.68
CA GLU D 337 -22.70 -16.90 1.50
C GLU D 337 -22.30 -15.48 1.15
N HIS D 338 -21.41 -15.34 0.17
CA HIS D 338 -20.92 -14.03 -0.23
C HIS D 338 -21.65 -13.41 -1.41
N ILE D 339 -22.70 -14.09 -1.84
CA ILE D 339 -23.57 -13.64 -2.92
C ILE D 339 -25.01 -14.05 -2.70
N ASN D 340 -25.91 -13.19 -3.18
CA ASN D 340 -27.35 -13.42 -3.13
C ASN D 340 -27.84 -13.04 -4.51
N LEU D 341 -28.49 -14.00 -5.18
CA LEU D 341 -28.98 -13.82 -6.53
C LEU D 341 -30.29 -13.06 -6.65
N HIS D 342 -30.26 -11.98 -7.44
CA HIS D 342 -31.43 -11.13 -7.68
C HIS D 342 -31.66 -10.94 -9.19
N PRO D 343 -32.87 -11.30 -9.69
CA PRO D 343 -33.21 -11.15 -11.12
C PRO D 343 -33.36 -9.69 -11.58
N GLU D 344 -34.14 -8.92 -10.83
CA GLU D 344 -34.35 -7.50 -11.12
C GLU D 344 -34.15 -6.70 -9.83
N LEU D 345 -33.65 -5.47 -10.00
CA LEU D 345 -33.40 -4.50 -8.94
C LEU D 345 -33.11 -3.19 -9.66
N ASP D 346 -33.69 -2.09 -9.16
CA ASP D 346 -33.51 -0.72 -9.71
C ASP D 346 -33.69 -0.51 -11.23
N GLY D 347 -34.23 -1.53 -11.90
CA GLY D 347 -34.43 -1.47 -13.35
C GLY D 347 -33.32 -2.17 -14.12
N GLN D 348 -32.55 -2.97 -13.37
CA GLN D 348 -31.42 -3.74 -13.90
C GLN D 348 -31.82 -5.20 -14.04
N GLU D 349 -31.25 -5.85 -15.04
CA GLU D 349 -31.51 -7.26 -15.37
C GLU D 349 -30.33 -8.14 -14.98
N TYR D 350 -30.61 -9.20 -14.21
CA TYR D 350 -29.62 -10.17 -13.72
C TYR D 350 -28.49 -9.58 -12.85
N VAL D 351 -28.86 -9.15 -11.65
CA VAL D 351 -27.92 -8.56 -10.71
C VAL D 351 -27.37 -9.57 -9.69
N VAL D 352 -26.05 -9.61 -9.57
CA VAL D 352 -25.36 -10.48 -8.63
C VAL D 352 -24.81 -9.56 -7.54
N GLU D 353 -25.34 -9.72 -6.32
CA GLU D 353 -24.98 -8.91 -5.15
C GLU D 353 -23.82 -9.49 -4.35
N PHE D 354 -22.64 -8.90 -4.57
CA PHE D 354 -21.38 -9.30 -3.91
C PHE D 354 -21.26 -8.64 -2.53
N ASP D 355 -20.94 -9.42 -1.51
CA ASP D 355 -20.80 -8.90 -0.15
C ASP D 355 -19.82 -9.78 0.62
N PHE D 356 -18.56 -9.34 0.70
CA PHE D 356 -17.51 -10.07 1.44
C PHE D 356 -16.33 -9.18 1.84
N LEU D 357 -15.47 -9.76 2.67
CA LEU D 357 -14.27 -9.06 3.12
C LEU D 357 -13.07 -9.52 2.28
N GLY D 358 -12.56 -8.64 1.42
CA GLY D 358 -11.43 -8.96 0.55
C GLY D 358 -10.08 -9.00 1.24
N LYS D 359 -9.01 -8.54 0.57
CA LYS D 359 -7.68 -8.52 1.17
C LYS D 359 -7.70 -7.42 2.21
N ASP D 360 -7.04 -7.67 3.36
CA ASP D 360 -6.96 -6.71 4.48
C ASP D 360 -8.33 -6.39 5.10
N SER D 361 -9.22 -7.38 5.08
CA SER D 361 -10.59 -7.28 5.56
C SER D 361 -11.27 -6.00 5.07
N ILE D 362 -11.10 -5.70 3.78
CA ILE D 362 -11.71 -4.53 3.17
C ILE D 362 -12.90 -5.04 2.35
N ARG D 363 -14.07 -4.58 2.73
CA ARG D 363 -15.32 -4.98 2.12
C ARG D 363 -15.44 -4.68 0.62
N TYR D 364 -16.16 -5.56 -0.06
CA TYR D 364 -16.44 -5.45 -1.49
C TYR D 364 -17.95 -5.70 -1.65
N TYR D 365 -18.68 -4.64 -1.99
CA TYR D 365 -20.12 -4.69 -2.20
C TYR D 365 -20.32 -4.23 -3.62
N ASN D 366 -20.92 -5.08 -4.46
CA ASN D 366 -21.17 -4.69 -5.85
C ASN D 366 -22.40 -5.34 -6.45
N LYS D 367 -23.30 -4.49 -6.94
CA LYS D 367 -24.53 -4.91 -7.60
C LYS D 367 -24.09 -4.92 -9.07
N VAL D 368 -23.99 -6.11 -9.69
CA VAL D 368 -23.52 -6.21 -11.08
C VAL D 368 -24.42 -6.92 -12.13
N PRO D 369 -24.82 -6.17 -13.20
CA PRO D 369 -25.66 -6.72 -14.27
C PRO D 369 -24.76 -7.55 -15.20
N VAL D 370 -24.94 -8.87 -15.13
CA VAL D 370 -24.16 -9.81 -15.94
C VAL D 370 -24.98 -10.31 -17.14
N GLU D 371 -24.32 -11.06 -18.02
CA GLU D 371 -24.96 -11.63 -19.21
C GLU D 371 -25.92 -12.76 -18.79
N LYS D 372 -26.76 -13.22 -19.70
CA LYS D 372 -27.75 -14.27 -19.42
C LYS D 372 -27.22 -15.62 -18.88
N ARG D 373 -26.24 -16.22 -19.57
CA ARG D 373 -25.66 -17.52 -19.16
C ARG D 373 -24.98 -17.48 -17.80
N VAL D 374 -24.27 -16.40 -17.50
CA VAL D 374 -23.53 -16.20 -16.25
C VAL D 374 -24.43 -16.24 -15.02
N PHE D 375 -25.56 -15.55 -15.07
CA PHE D 375 -26.50 -15.52 -13.95
C PHE D 375 -27.07 -16.92 -13.76
N LYS D 376 -27.38 -17.57 -14.88
CA LYS D 376 -27.92 -18.92 -14.89
C LYS D 376 -26.90 -19.97 -14.44
N ASN D 377 -25.62 -19.72 -14.75
CA ASN D 377 -24.51 -20.60 -14.37
C ASN D 377 -24.28 -20.55 -12.85
N LEU D 378 -24.45 -19.36 -12.27
CA LEU D 378 -24.27 -19.15 -10.84
C LEU D 378 -25.30 -19.87 -9.99
N GLN D 379 -26.51 -20.00 -10.52
CA GLN D 379 -27.62 -20.68 -9.85
C GLN D 379 -27.29 -22.16 -9.74
N LEU D 380 -26.64 -22.64 -10.81
CA LEU D 380 -26.16 -24.00 -10.95
C LEU D 380 -25.02 -24.27 -9.97
N PHE D 381 -24.15 -23.28 -9.82
CA PHE D 381 -23.01 -23.42 -8.92
C PHE D 381 -23.39 -23.32 -7.45
N MET D 382 -24.60 -22.83 -7.17
CA MET D 382 -25.11 -22.66 -5.81
C MET D 382 -26.19 -23.66 -5.38
N GLU D 383 -26.61 -24.50 -6.33
CA GLU D 383 -27.63 -25.52 -6.08
C GLU D 383 -27.10 -26.58 -5.11
N ASN D 384 -28.00 -27.10 -4.26
CA ASN D 384 -27.75 -28.12 -3.22
C ASN D 384 -26.52 -27.88 -2.35
N LYS D 385 -26.21 -26.59 -2.18
CA LYS D 385 -25.07 -26.16 -1.38
C LYS D 385 -25.47 -25.34 -0.18
N GLN D 386 -24.65 -25.46 0.85
CA GLN D 386 -24.83 -24.74 2.09
C GLN D 386 -23.98 -23.45 2.04
N PRO D 387 -24.43 -22.35 2.71
CA PRO D 387 -23.71 -21.07 2.73
C PRO D 387 -22.20 -21.10 2.98
N GLU D 388 -21.79 -22.02 3.85
CA GLU D 388 -20.40 -22.21 4.25
C GLU D 388 -19.57 -22.95 3.22
N ASP D 389 -20.20 -23.40 2.15
CA ASP D 389 -19.48 -24.12 1.10
C ASP D 389 -18.99 -23.17 0.02
N ASP D 390 -18.00 -23.63 -0.75
CA ASP D 390 -17.42 -22.87 -1.85
C ASP D 390 -18.43 -22.61 -2.96
N LEU D 391 -18.16 -21.59 -3.76
CA LEU D 391 -18.99 -21.26 -4.90
C LEU D 391 -18.39 -22.18 -5.94
N PHE D 392 -17.13 -21.93 -6.26
CA PHE D 392 -16.41 -22.74 -7.24
C PHE D 392 -15.67 -23.91 -6.61
N ASP D 393 -16.40 -25.00 -6.37
CA ASP D 393 -15.77 -26.22 -5.88
C ASP D 393 -15.30 -26.81 -7.20
N ARG D 394 -14.22 -27.59 -7.21
CA ARG D 394 -13.62 -28.15 -8.44
C ARG D 394 -12.70 -27.07 -9.02
N LEU D 395 -12.43 -26.04 -8.20
CA LEU D 395 -11.57 -24.91 -8.56
C LEU D 395 -10.83 -24.25 -7.40
N ASN D 396 -9.63 -23.80 -7.74
CA ASN D 396 -8.73 -23.09 -6.85
C ASN D 396 -7.84 -22.31 -7.81
N THR D 397 -6.88 -21.56 -7.28
CA THR D 397 -5.96 -20.77 -8.09
C THR D 397 -5.04 -21.63 -8.96
N GLY D 398 -4.83 -22.88 -8.56
CA GLY D 398 -3.95 -23.78 -9.30
C GLY D 398 -4.42 -24.23 -10.67
N ILE D 399 -5.72 -24.54 -10.75
CA ILE D 399 -6.32 -24.98 -11.99
C ILE D 399 -6.38 -23.77 -12.90
N LEU D 400 -7.04 -22.73 -12.40
CA LEU D 400 -7.21 -21.47 -13.10
C LEU D 400 -5.94 -20.91 -13.74
N ASN D 401 -4.83 -20.98 -13.00
CA ASN D 401 -3.52 -20.47 -13.44
C ASN D 401 -2.84 -21.37 -14.45
N LYS D 402 -3.18 -22.66 -14.44
CA LYS D 402 -2.59 -23.62 -15.38
C LYS D 402 -3.15 -23.35 -16.77
N HIS D 403 -4.42 -22.94 -16.79
CA HIS D 403 -5.13 -22.59 -18.00
C HIS D 403 -4.56 -21.31 -18.56
N LEU D 404 -4.48 -20.30 -17.72
CA LEU D 404 -3.96 -18.99 -18.12
C LEU D 404 -2.59 -19.07 -18.76
N GLN D 405 -1.79 -20.02 -18.28
CA GLN D 405 -0.44 -20.24 -18.79
C GLN D 405 -0.48 -20.76 -20.22
N ASP D 406 -1.43 -21.66 -20.46
CA ASP D 406 -1.60 -22.25 -21.78
C ASP D 406 -2.19 -21.22 -22.76
N LEU D 407 -3.05 -20.36 -22.23
CA LEU D 407 -3.69 -19.30 -23.02
C LEU D 407 -2.69 -18.27 -23.50
N MET D 408 -1.64 -18.03 -22.71
CA MET D 408 -0.60 -17.07 -23.06
C MET D 408 0.65 -17.42 -22.28
N GLU D 409 1.78 -17.42 -22.99
CA GLU D 409 3.08 -17.72 -22.40
C GLU D 409 3.41 -16.76 -21.22
N GLY D 410 3.44 -17.31 -20.01
CA GLY D 410 3.73 -16.54 -18.80
C GLY D 410 2.59 -15.78 -18.12
N LEU D 411 1.35 -16.19 -18.37
CA LEU D 411 0.21 -15.50 -17.79
C LEU D 411 -0.38 -16.20 -16.58
N THR D 412 -0.68 -15.43 -15.54
CA THR D 412 -1.31 -15.94 -14.30
C THR D 412 -2.52 -15.03 -14.05
N ALA D 413 -3.23 -15.22 -12.95
CA ALA D 413 -4.45 -14.42 -12.68
C ALA D 413 -4.35 -13.03 -11.99
N LYS D 414 -3.12 -12.54 -11.82
CA LYS D 414 -2.89 -11.24 -11.18
C LYS D 414 -2.64 -10.21 -12.29
N VAL D 415 -2.10 -10.71 -13.40
CA VAL D 415 -1.77 -9.92 -14.60
C VAL D 415 -2.98 -9.10 -15.10
N PHE D 416 -4.19 -9.60 -14.83
CA PHE D 416 -5.42 -8.95 -15.26
C PHE D 416 -5.59 -7.64 -14.57
N ARG D 417 -5.27 -7.65 -13.28
CA ARG D 417 -5.39 -6.45 -12.45
C ARG D 417 -4.39 -5.41 -12.92
N THR D 418 -3.24 -5.90 -13.38
CA THR D 418 -2.20 -5.03 -13.88
C THR D 418 -2.64 -4.40 -15.21
N TYR D 419 -3.21 -5.24 -16.09
CA TYR D 419 -3.73 -4.74 -17.37
C TYR D 419 -4.85 -3.71 -17.10
N ASN D 420 -6.00 -4.21 -16.61
CA ASN D 420 -7.20 -3.43 -16.32
C ASN D 420 -6.97 -2.14 -15.56
N ALA D 421 -5.92 -2.11 -14.74
CA ALA D 421 -5.65 -0.92 -13.97
C ALA D 421 -4.89 0.04 -14.85
N SER D 422 -3.76 -0.45 -15.37
CA SER D 422 -2.88 0.32 -16.24
C SER D 422 -3.59 0.92 -17.45
N ILE D 423 -4.25 0.09 -18.26
CA ILE D 423 -4.99 0.52 -19.45
C ILE D 423 -6.09 1.55 -19.14
N THR D 424 -6.72 1.47 -17.95
CA THR D 424 -7.77 2.43 -17.53
C THR D 424 -7.15 3.82 -17.33
N LEU D 425 -5.90 3.85 -16.86
CA LEU D 425 -5.22 5.12 -16.63
C LEU D 425 -4.97 5.75 -17.98
N GLN D 426 -4.42 4.96 -18.90
CA GLN D 426 -4.11 5.43 -20.24
C GLN D 426 -5.35 5.99 -20.96
N GLN D 427 -6.46 5.25 -20.84
CA GLN D 427 -7.75 5.63 -21.46
C GLN D 427 -8.32 6.90 -20.85
N GLN D 428 -8.45 6.92 -19.53
CA GLN D 428 -8.98 8.11 -18.85
C GLN D 428 -8.12 9.35 -18.98
N LEU D 429 -6.81 9.18 -19.10
CA LEU D 429 -5.95 10.33 -19.26
C LEU D 429 -6.22 10.95 -20.63
N LYS D 430 -6.63 10.10 -21.60
CA LYS D 430 -6.96 10.53 -22.96
C LYS D 430 -8.30 11.25 -22.91
N GLU D 431 -9.25 10.65 -22.21
CA GLU D 431 -10.61 11.16 -22.06
C GLU D 431 -10.79 12.23 -21.00
N LEU D 432 -9.71 12.81 -20.48
CA LEU D 432 -9.85 13.83 -19.45
C LEU D 432 -9.03 15.07 -19.67
N THR D 433 -7.77 14.87 -20.07
CA THR D 433 -6.82 15.96 -20.31
C THR D 433 -7.13 16.78 -21.54
N ALA D 434 -7.38 18.07 -21.30
CA ALA D 434 -7.68 18.99 -22.36
C ALA D 434 -6.45 19.87 -22.52
N PRO D 435 -6.05 20.21 -23.78
CA PRO D 435 -4.88 21.06 -24.05
C PRO D 435 -4.89 22.41 -23.38
N ASP D 436 -6.06 23.03 -23.31
CA ASP D 436 -6.23 24.36 -22.71
C ASP D 436 -5.81 24.58 -21.27
N GLU D 437 -6.30 23.71 -20.37
CA GLU D 437 -6.06 23.74 -18.91
C GLU D 437 -4.66 24.13 -18.40
N ASN D 438 -4.62 24.95 -17.34
CA ASN D 438 -3.35 25.36 -16.74
C ASN D 438 -2.89 24.15 -15.93
N ILE D 439 -1.57 24.05 -15.70
CA ILE D 439 -0.93 22.94 -14.98
C ILE D 439 -1.64 22.36 -13.73
N PRO D 440 -2.20 23.23 -12.84
CA PRO D 440 -2.89 22.66 -11.67
C PRO D 440 -4.18 21.85 -11.91
N ALA D 441 -4.88 22.16 -13.01
CA ALA D 441 -6.14 21.45 -13.35
C ALA D 441 -5.88 20.12 -14.07
N LYS D 442 -4.71 20.04 -14.71
CA LYS D 442 -4.24 18.83 -15.40
C LYS D 442 -3.84 17.81 -14.32
N ILE D 443 -3.28 18.31 -13.22
CA ILE D 443 -2.88 17.48 -12.09
C ILE D 443 -4.18 16.87 -11.54
N LEU D 444 -5.23 17.69 -11.51
CA LEU D 444 -6.55 17.27 -11.04
C LEU D 444 -7.13 16.18 -11.96
N SER D 445 -6.89 16.33 -13.27
CA SER D 445 -7.37 15.39 -14.29
C SER D 445 -6.67 14.05 -14.15
N TYR D 446 -5.36 14.12 -13.89
CA TYR D 446 -4.53 12.94 -13.67
C TYR D 446 -5.05 12.21 -12.45
N ASN D 447 -5.24 12.93 -11.36
CA ASN D 447 -5.72 12.33 -10.12
C ASN D 447 -7.11 11.73 -10.28
N ARG D 448 -7.91 12.30 -11.17
CA ARG D 448 -9.25 11.78 -11.41
C ARG D 448 -9.18 10.48 -12.16
N ALA D 449 -8.11 10.34 -12.95
CA ALA D 449 -7.83 9.15 -13.72
C ALA D 449 -7.43 8.06 -12.72
N ASN D 450 -6.47 8.42 -11.86
CA ASN D 450 -5.93 7.54 -10.81
C ASN D 450 -7.07 7.07 -9.92
N ARG D 451 -7.98 7.99 -9.62
CA ARG D 451 -9.12 7.71 -8.76
C ARG D 451 -10.02 6.64 -9.31
N ALA D 452 -10.19 6.62 -10.63
CA ALA D 452 -11.07 5.65 -11.30
C ALA D 452 -10.49 4.23 -11.17
N VAL D 453 -9.17 4.14 -11.33
CA VAL D 453 -8.42 2.89 -11.22
C VAL D 453 -8.59 2.37 -9.81
N ALA D 454 -8.43 3.29 -8.88
CA ALA D 454 -8.53 3.01 -7.47
C ALA D 454 -9.84 2.42 -7.08
N ILE D 455 -10.93 2.97 -7.63
CA ILE D 455 -12.25 2.46 -7.28
C ILE D 455 -12.46 1.11 -7.93
N LEU D 456 -11.83 0.89 -9.09
CA LEU D 456 -11.98 -0.39 -9.79
C LEU D 456 -11.20 -1.48 -9.09
N CYS D 457 -10.03 -1.11 -8.57
CA CYS D 457 -9.18 -2.04 -7.85
C CYS D 457 -9.54 -2.09 -6.35
N ASN D 458 -10.65 -1.43 -6.00
CA ASN D 458 -11.21 -1.31 -4.65
C ASN D 458 -10.21 -0.97 -3.53
N HIS D 459 -9.44 0.10 -3.73
CA HIS D 459 -8.47 0.56 -2.73
C HIS D 459 -9.13 1.62 -1.88
N GLN D 460 -9.94 1.15 -0.94
CA GLN D 460 -10.70 2.01 -0.05
C GLN D 460 -9.88 2.75 0.97
N ARG D 461 -10.57 3.57 1.76
CA ARG D 461 -10.00 4.39 2.80
C ARG D 461 -11.06 4.79 3.81
N ALA D 462 -10.63 4.88 5.06
CA ALA D 462 -11.48 5.30 6.16
C ALA D 462 -11.22 6.83 6.16
N PRO D 463 -12.30 7.66 6.22
CA PRO D 463 -12.16 9.14 6.23
C PRO D 463 -11.17 9.64 7.30
N PRO D 464 -10.18 10.52 6.92
CA PRO D 464 -9.15 11.09 7.81
C PRO D 464 -9.68 11.59 9.15
N LYS D 465 -9.19 10.96 10.21
CA LYS D 465 -9.57 11.19 11.63
C LYS D 465 -10.31 12.50 12.03
N THR D 466 -11.60 12.55 11.65
CA THR D 466 -12.50 13.69 11.90
C THR D 466 -12.06 15.05 11.32
N PHE D 467 -10.87 15.06 10.72
CA PHE D 467 -10.25 16.24 10.11
C PHE D 467 -10.83 16.71 8.77
N GLU D 468 -12.02 16.21 8.39
CA GLU D 468 -12.69 16.63 7.14
C GLU D 468 -13.48 17.91 7.37
N LYS D 469 -12.93 18.74 8.25
CA LYS D 469 -13.42 20.05 8.61
C LYS D 469 -12.25 20.95 8.21
N SER D 470 -11.32 20.33 7.47
CA SER D 470 -10.13 20.98 6.90
C SER D 470 -10.62 21.56 5.58
N MET D 471 -11.84 21.13 5.23
CA MET D 471 -12.55 21.56 4.03
C MET D 471 -13.20 22.91 4.28
N MET D 472 -13.61 23.14 5.54
CA MET D 472 -14.19 24.42 6.02
C MET D 472 -13.02 25.41 6.11
N ASN D 473 -11.86 24.87 6.48
CA ASN D 473 -10.61 25.63 6.64
C ASN D 473 -9.84 25.78 5.32
N LEU D 474 -10.44 25.32 4.23
CA LEU D 474 -9.87 25.46 2.90
C LEU D 474 -10.87 26.28 2.11
N GLN D 475 -12.14 26.20 2.52
CA GLN D 475 -13.23 26.96 1.88
C GLN D 475 -13.19 28.42 2.34
N THR D 476 -12.75 28.65 3.59
CA THR D 476 -12.64 30.01 4.12
C THR D 476 -11.45 30.72 3.47
N LYS D 477 -10.55 29.94 2.86
CA LYS D 477 -9.38 30.46 2.15
C LYS D 477 -9.76 30.77 0.70
N ILE D 478 -10.73 30.02 0.18
CA ILE D 478 -11.25 30.17 -1.19
C ILE D 478 -12.22 31.35 -1.20
N ASP D 479 -13.07 31.42 -0.18
CA ASP D 479 -14.05 32.50 -0.03
C ASP D 479 -13.35 33.82 0.27
N ALA D 480 -12.10 33.75 0.72
CA ALA D 480 -11.31 34.93 1.00
C ALA D 480 -10.68 35.43 -0.28
N LYS D 481 -10.42 34.50 -1.20
CA LYS D 481 -9.82 34.83 -2.49
C LYS D 481 -10.87 35.39 -3.42
N LYS D 482 -12.13 35.03 -3.16
CA LYS D 482 -13.25 35.52 -3.95
C LYS D 482 -13.47 37.01 -3.66
N GLU D 483 -12.90 37.48 -2.54
CA GLU D 483 -12.97 38.89 -2.12
C GLU D 483 -11.84 39.63 -2.80
N GLN D 484 -10.64 39.06 -2.72
CA GLN D 484 -9.42 39.63 -3.32
C GLN D 484 -9.61 39.83 -4.82
N LEU D 485 -10.49 39.03 -5.42
CA LEU D 485 -10.80 39.10 -6.85
C LEU D 485 -11.96 40.04 -7.08
N ALA D 486 -12.95 39.98 -6.20
CA ALA D 486 -14.14 40.82 -6.29
C ALA D 486 -13.81 42.30 -6.22
N ASP D 487 -12.66 42.60 -5.63
CA ASP D 487 -12.18 43.96 -5.48
C ASP D 487 -11.43 44.43 -6.73
N ALA D 488 -10.85 43.48 -7.47
CA ALA D 488 -10.13 43.80 -8.70
C ALA D 488 -11.13 44.01 -9.81
N ARG D 489 -12.33 43.47 -9.62
CA ARG D 489 -13.45 43.58 -10.56
C ARG D 489 -14.06 44.95 -10.47
N ARG D 490 -14.21 45.46 -9.24
CA ARG D 490 -14.77 46.78 -8.99
C ARG D 490 -13.71 47.87 -9.14
N ASP D 491 -12.46 47.45 -9.32
CA ASP D 491 -11.32 48.36 -9.52
C ASP D 491 -11.27 48.59 -11.03
N LEU D 492 -11.55 47.53 -11.78
CA LEU D 492 -11.57 47.56 -13.24
C LEU D 492 -12.79 48.32 -13.76
N LYS D 493 -13.90 48.23 -13.03
CA LYS D 493 -15.13 48.91 -13.39
C LYS D 493 -14.99 50.43 -13.23
N SER D 494 -14.16 50.86 -12.28
CA SER D 494 -13.90 52.29 -12.06
C SER D 494 -12.80 52.82 -12.98
N ALA D 495 -11.93 51.93 -13.44
CA ALA D 495 -10.82 52.28 -14.35
C ALA D 495 -11.37 52.64 -15.72
N LYS D 496 -12.50 52.02 -16.07
CA LYS D 496 -13.22 52.25 -17.33
C LYS D 496 -14.03 53.55 -17.23
N ALA D 497 -14.48 53.87 -16.01
CA ALA D 497 -15.26 55.09 -15.74
C ALA D 497 -14.39 56.36 -15.74
N ASP D 498 -13.07 56.17 -15.86
CA ASP D 498 -12.11 57.25 -15.91
C ASP D 498 -11.48 57.23 -17.31
N ALA D 499 -11.52 56.06 -17.97
CA ALA D 499 -10.98 55.89 -19.31
C ALA D 499 -11.90 56.47 -20.38
N LYS D 500 -13.18 56.62 -20.04
CA LYS D 500 -14.17 57.18 -20.95
C LYS D 500 -14.01 58.70 -21.01
N VAL D 501 -14.10 59.35 -19.84
CA VAL D 501 -13.92 60.80 -19.75
C VAL D 501 -12.43 61.11 -19.66
N MET D 502 -11.93 61.75 -20.72
CA MET D 502 -10.53 62.17 -20.93
C MET D 502 -9.62 60.96 -21.25
N LYS D 503 -9.85 60.40 -22.43
CA LYS D 503 -9.13 59.23 -22.95
C LYS D 503 -7.70 59.59 -23.40
N ASP D 504 -6.72 58.98 -22.75
CA ASP D 504 -5.30 59.17 -23.08
C ASP D 504 -4.49 57.92 -22.74
N ALA D 505 -3.23 57.91 -23.21
CA ALA D 505 -2.30 56.79 -23.02
C ALA D 505 -1.75 56.62 -21.59
N LYS D 506 -2.40 57.30 -20.65
CA LYS D 506 -2.06 57.22 -19.23
C LYS D 506 -3.21 56.54 -18.49
N THR D 507 -4.42 56.61 -19.04
CA THR D 507 -5.61 55.99 -18.44
C THR D 507 -5.90 54.58 -18.99
N LYS D 508 -5.55 54.38 -20.27
CA LYS D 508 -5.72 53.10 -20.97
C LYS D 508 -4.70 52.06 -20.48
N LYS D 509 -3.47 52.50 -20.25
CA LYS D 509 -2.40 51.61 -19.77
C LYS D 509 -2.55 51.26 -18.28
N VAL D 510 -3.60 51.80 -17.66
CA VAL D 510 -3.94 51.53 -16.27
C VAL D 510 -5.10 50.51 -16.29
N VAL D 511 -5.94 50.55 -17.33
CA VAL D 511 -7.06 49.61 -17.50
C VAL D 511 -6.46 48.25 -17.94
N GLU D 512 -5.17 48.26 -18.27
CA GLU D 512 -4.40 47.09 -18.66
C GLU D 512 -3.88 46.49 -17.35
N SER D 513 -3.29 47.34 -16.51
CA SER D 513 -2.71 46.94 -15.22
C SER D 513 -3.78 46.48 -14.21
N LYS D 514 -5.04 46.77 -14.52
CA LYS D 514 -6.14 46.37 -13.67
C LYS D 514 -6.85 45.17 -14.30
N LYS D 515 -6.45 44.82 -15.52
CA LYS D 515 -7.01 43.66 -16.24
C LYS D 515 -6.08 42.49 -16.00
N LYS D 516 -4.78 42.75 -16.02
CA LYS D 516 -3.74 41.74 -15.78
C LYS D 516 -3.75 41.36 -14.30
N ALA D 517 -4.41 42.21 -13.52
CA ALA D 517 -4.56 42.03 -12.08
C ALA D 517 -5.76 41.15 -11.76
N VAL D 518 -6.79 41.18 -12.61
CA VAL D 518 -7.98 40.34 -12.44
C VAL D 518 -7.56 38.91 -12.78
N GLN D 519 -6.64 38.80 -13.74
CA GLN D 519 -6.12 37.52 -14.22
C GLN D 519 -5.19 36.75 -13.29
N ARG D 520 -4.25 37.44 -12.65
CA ARG D 520 -3.31 36.79 -11.72
C ARG D 520 -4.04 36.22 -10.51
N LEU D 521 -5.19 36.81 -10.20
CA LEU D 521 -6.06 36.40 -9.08
C LEU D 521 -7.04 35.32 -9.55
N GLU D 522 -7.37 35.36 -10.85
CA GLU D 522 -8.29 34.39 -11.44
C GLU D 522 -7.61 33.03 -11.51
N GLU D 523 -6.34 33.03 -11.95
CA GLU D 523 -5.51 31.83 -12.03
C GLU D 523 -5.24 31.23 -10.67
N GLN D 524 -5.25 32.10 -9.65
CA GLN D 524 -5.02 31.69 -8.26
C GLN D 524 -6.27 31.05 -7.65
N LEU D 525 -7.45 31.59 -7.98
CA LEU D 525 -8.73 31.06 -7.49
C LEU D 525 -8.96 29.67 -8.08
N MET D 526 -8.54 29.49 -9.34
CA MET D 526 -8.64 28.22 -10.08
C MET D 526 -7.80 27.19 -9.33
N LYS D 527 -6.56 27.61 -9.03
CA LYS D 527 -5.60 26.78 -8.33
C LYS D 527 -6.09 26.38 -6.95
N LEU D 528 -6.98 27.19 -6.37
CA LEU D 528 -7.50 26.85 -5.06
C LEU D 528 -8.75 26.00 -5.13
N GLU D 529 -9.60 26.26 -6.11
CA GLU D 529 -10.86 25.51 -6.29
C GLU D 529 -10.65 24.11 -6.81
N VAL D 530 -9.72 23.99 -7.76
CA VAL D 530 -9.36 22.72 -8.39
C VAL D 530 -8.73 21.82 -7.33
N GLN D 531 -7.96 22.43 -6.42
CA GLN D 531 -7.29 21.71 -5.35
C GLN D 531 -8.21 21.31 -4.23
N ALA D 532 -9.40 21.91 -4.19
CA ALA D 532 -10.40 21.59 -3.17
C ALA D 532 -11.29 20.46 -3.65
N THR D 533 -11.39 20.32 -4.98
CA THR D 533 -12.17 19.29 -5.63
C THR D 533 -11.40 17.97 -5.50
N ASP D 534 -10.13 18.02 -5.92
CA ASP D 534 -9.17 16.91 -5.88
C ASP D 534 -9.17 16.25 -4.49
N ARG D 535 -9.12 17.11 -3.47
CA ARG D 535 -9.10 16.70 -2.07
C ARG D 535 -10.39 16.09 -1.58
N GLU D 536 -11.53 16.61 -2.04
CA GLU D 536 -12.80 16.09 -1.59
C GLU D 536 -13.32 14.90 -2.36
N GLU D 537 -12.79 14.68 -3.56
CA GLU D 537 -13.21 13.52 -4.36
C GLU D 537 -12.42 12.31 -3.78
N ASN D 538 -11.14 12.54 -3.50
CA ASN D 538 -10.24 11.54 -2.95
C ASN D 538 -10.40 11.53 -1.42
N LYS D 539 -11.65 11.41 -0.96
CA LYS D 539 -11.99 11.43 0.47
C LYS D 539 -11.98 10.03 1.03
N GLN D 540 -12.64 9.11 0.33
CA GLN D 540 -12.74 7.72 0.73
C GLN D 540 -12.11 6.76 -0.30
N ILE D 541 -11.04 7.23 -0.95
CA ILE D 541 -10.33 6.46 -1.98
C ILE D 541 -8.83 6.47 -1.59
N ALA D 542 -8.04 5.57 -2.19
CA ALA D 542 -6.61 5.46 -1.94
C ALA D 542 -5.85 5.26 -3.25
N LEU D 543 -5.05 6.25 -3.63
CA LEU D 543 -4.29 6.17 -4.89
C LEU D 543 -2.96 5.45 -4.76
N GLY D 544 -2.40 5.43 -3.55
CA GLY D 544 -1.11 4.82 -3.31
C GLY D 544 -0.78 3.47 -3.92
N THR D 545 -1.56 2.45 -3.54
CA THR D 545 -1.37 1.07 -4.01
C THR D 545 -1.39 0.95 -5.53
N SER D 546 -2.19 1.78 -6.20
CA SER D 546 -2.20 1.74 -7.67
C SER D 546 -1.03 2.59 -8.26
N LYS D 547 -0.74 3.75 -7.63
CA LYS D 547 0.30 4.72 -8.04
C LYS D 547 1.63 4.04 -8.17
N LEU D 548 1.91 3.23 -7.16
CA LEU D 548 3.15 2.49 -7.13
C LEU D 548 3.03 1.06 -7.67
N ASN D 549 2.10 0.28 -7.12
CA ASN D 549 1.97 -1.09 -7.54
C ASN D 549 1.28 -1.51 -8.84
N PTR D 550 0.33 -0.74 -9.36
CA PTR D 550 -0.41 -1.18 -10.56
C PTR D 550 -0.32 -0.56 -11.93
O PTR D 550 -0.59 -1.22 -12.93
CB PTR D 550 -1.88 -1.28 -10.24
CG PTR D 550 -2.18 -2.38 -9.32
CD1 PTR D 550 -2.76 -2.15 -8.07
CD2 PTR D 550 -1.89 -3.69 -9.68
CE1 PTR D 550 -3.04 -3.22 -7.19
CE2 PTR D 550 -2.15 -4.76 -8.81
CZ PTR D 550 -2.72 -4.53 -7.57
OH PTR D 550 -2.90 -5.62 -6.79
P PTR D 550 -3.25 -5.58 -5.24
O1P PTR D 550 -4.43 -4.74 -4.86
O2P PTR D 550 -3.16 -6.99 -4.72
O3P PTR D 550 -2.03 -4.88 -4.50
N LEU D 551 -0.01 0.73 -11.95
CA LEU D 551 0.07 1.53 -13.18
C LEU D 551 1.47 1.65 -13.78
N ASP D 552 1.62 1.28 -15.06
CA ASP D 552 2.89 1.36 -15.78
C ASP D 552 3.39 2.78 -15.74
N PRO D 553 4.46 3.07 -14.97
CA PRO D 553 4.97 4.43 -14.88
C PRO D 553 5.25 5.17 -16.17
N ARG D 554 5.46 4.42 -17.25
CA ARG D 554 5.70 5.03 -18.54
C ARG D 554 4.44 5.77 -19.03
N ILE D 555 3.25 5.21 -18.75
CA ILE D 555 1.94 5.78 -19.12
C ILE D 555 1.89 7.20 -18.56
N THR D 556 2.38 7.32 -17.34
CA THR D 556 2.39 8.60 -16.67
C THR D 556 3.43 9.49 -17.32
N VAL D 557 4.67 9.01 -17.34
CA VAL D 557 5.79 9.74 -17.93
C VAL D 557 5.50 10.35 -19.29
N ALA D 558 4.82 9.59 -20.16
CA ALA D 558 4.47 10.06 -21.51
C ALA D 558 3.53 11.24 -21.39
N TRP D 559 2.47 11.05 -20.60
CA TRP D 559 1.48 12.09 -20.37
C TRP D 559 2.14 13.38 -19.87
N CYS D 560 3.16 13.24 -19.04
CA CYS D 560 3.87 14.39 -18.50
C CYS D 560 4.72 15.08 -19.53
N LYS D 561 5.42 14.29 -20.35
CA LYS D 561 6.32 14.82 -21.39
C LYS D 561 5.52 15.58 -22.44
N LYS D 562 4.32 15.07 -22.70
CA LYS D 562 3.39 15.63 -23.66
C LYS D 562 2.93 17.04 -23.29
N TRP D 563 2.20 17.15 -22.19
CA TRP D 563 1.65 18.42 -21.71
C TRP D 563 2.62 19.28 -20.89
N GLY D 564 3.90 18.93 -20.96
CA GLY D 564 4.97 19.64 -20.24
C GLY D 564 4.81 19.78 -18.74
N VAL D 565 4.22 18.77 -18.08
CA VAL D 565 4.01 18.76 -16.63
C VAL D 565 5.26 18.17 -15.95
N PRO D 566 6.08 19.02 -15.28
CA PRO D 566 7.28 18.52 -14.61
C PRO D 566 6.98 17.43 -13.57
N ILE D 567 7.40 16.22 -13.93
CA ILE D 567 7.24 14.97 -13.18
C ILE D 567 7.09 15.07 -11.67
N GLU D 568 7.86 15.96 -11.06
CA GLU D 568 7.82 16.16 -9.60
C GLU D 568 6.43 16.56 -9.06
N LYS D 569 5.55 16.94 -10.00
CA LYS D 569 4.21 17.31 -9.64
C LYS D 569 3.37 16.05 -9.46
N ILE D 570 3.80 14.97 -10.10
CA ILE D 570 3.11 13.69 -10.01
C ILE D 570 3.80 12.68 -9.08
N TYR D 571 5.07 12.39 -9.38
CA TYR D 571 5.89 11.46 -8.61
C TYR D 571 6.89 12.20 -7.73
N ASN D 572 6.99 11.85 -6.44
CA ASN D 572 7.96 12.51 -5.57
C ASN D 572 9.33 11.83 -5.74
N LYS D 573 10.31 12.17 -4.90
CA LYS D 573 11.67 11.63 -4.99
C LYS D 573 11.90 10.13 -4.88
N THR D 574 11.24 9.43 -3.94
CA THR D 574 11.44 7.98 -3.82
C THR D 574 10.76 7.29 -5.00
N GLN D 575 9.69 7.94 -5.46
CA GLN D 575 8.89 7.47 -6.60
C GLN D 575 9.65 7.70 -7.90
N ARG D 576 10.29 8.86 -8.04
CA ARG D 576 11.09 9.22 -9.22
C ARG D 576 12.21 8.22 -9.32
N GLU D 577 12.81 7.97 -8.16
CA GLU D 577 13.90 7.01 -8.07
C GLU D 577 13.49 5.58 -8.37
N LYS D 578 12.33 5.15 -7.86
CA LYS D 578 11.85 3.79 -8.10
C LYS D 578 11.58 3.65 -9.56
N PHE D 579 10.96 4.71 -10.09
CA PHE D 579 10.54 4.78 -11.47
C PHE D 579 11.54 5.43 -12.38
N ALA D 580 12.82 5.46 -11.95
CA ALA D 580 13.94 6.06 -12.72
C ALA D 580 14.04 5.49 -14.12
N TRP D 581 13.71 4.22 -14.27
CA TRP D 581 13.75 3.56 -15.57
C TRP D 581 12.73 4.08 -16.55
N ALA D 582 11.55 4.42 -16.06
CA ALA D 582 10.47 4.90 -16.92
C ALA D 582 10.77 6.28 -17.47
N ILE D 583 11.04 7.19 -16.55
CA ILE D 583 11.34 8.58 -16.82
C ILE D 583 12.34 8.76 -17.97
N ASP D 584 13.48 8.10 -17.83
CA ASP D 584 14.55 8.20 -18.81
C ASP D 584 14.30 7.49 -20.12
N MET D 585 13.77 6.28 -20.05
CA MET D 585 13.57 5.44 -21.22
C MET D 585 12.14 5.46 -21.79
N ALA D 586 11.52 6.64 -21.86
CA ALA D 586 10.17 6.80 -22.42
C ALA D 586 9.89 8.20 -22.88
N ASP D 587 9.42 8.28 -24.11
CA ASP D 587 9.08 9.53 -24.77
C ASP D 587 7.59 9.86 -24.59
N GLU D 588 7.17 10.96 -25.19
CA GLU D 588 5.79 11.46 -25.13
C GLU D 588 4.82 10.59 -25.91
N ASP D 589 5.38 9.98 -26.94
CA ASP D 589 4.65 9.15 -27.86
C ASP D 589 4.31 7.74 -27.36
N TYR D 590 4.90 7.35 -26.22
CA TYR D 590 4.71 6.02 -25.60
C TYR D 590 3.25 5.59 -25.44
N GLU D 591 2.97 4.34 -25.79
CA GLU D 591 1.63 3.78 -25.70
C GLU D 591 1.65 2.38 -25.12
N PHE D 592 0.91 2.16 -24.03
CA PHE D 592 0.80 0.85 -23.34
C PHE D 592 -0.16 -0.04 -24.13
O18 EHD E . 3.59 -2.48 -0.44
C14 EHD E . 2.71 -2.66 0.57
C15 EHD E . 1.39 -2.55 0.35
C19 EHD E . 0.96 -2.22 -1.04
O22 EHD E . -0.26 -2.97 -1.34
C20 EHD E . -1.28 -3.18 -0.39
O23 EHD E . -2.34 -3.87 -0.73
C16 EHD E . 0.36 -2.74 1.37
C17 EHD E . 0.91 -3.06 2.65
C21 EHD E . -1.13 -2.62 1.01
O24 EHD E . -1.89 -3.39 1.79
C25 EHD E . -1.62 -1.16 1.04
C31 EHD E . -2.74 -0.87 2.12
N12 EHD E . 3.16 -2.97 1.85
C11 EHD E . 4.57 -3.13 2.21
C8 EHD E . 4.45 -3.48 3.65
C7 EHD E . 5.34 -3.78 4.61
C6 EHD E . 4.93 -4.09 5.91
C5 EHD E . 3.50 -4.09 6.19
N10 EHD E . 2.49 -3.77 5.19
C9 EHD E . 3.01 -3.50 3.99
C13 EHD E . 2.30 -3.18 2.84
C1 EHD E . 5.84 -4.39 6.92
C2 EHD E . 5.39 -4.69 8.19
C3 EHD E . 3.99 -4.70 8.47
C4 EHD E . 3.02 -4.38 7.45
#